data_5JH0
#
_entry.id   5JH0
#
_cell.length_a   88.490
_cell.length_b   113.410
_cell.length_c   67.710
_cell.angle_alpha   90.00
_cell.angle_beta   103.80
_cell.angle_gamma   90.00
#
_symmetry.space_group_name_H-M   'C 1 2 1'
#
loop_
_entity.id
_entity.type
_entity.pdbx_description
1 polymer 'ARS-binding factor 2, mitochondrial'
2 polymer "DNA (5'-D(*AP*AP*TP*AP*AP*TP*AP*AP*AP*TP*TP*AP*TP*AP*TP*AP*AP*TP*AP*TP*AP*A)-3')"
3 polymer "DNA (5'-D(*TP*TP*AP*TP*AP*TP*TP*AP*TP*AP*TP*AP*AP*TP*TP*TP*AP*TP*TP*AP*TP*T)-3')"
4 water water
#
loop_
_entity_poly.entity_id
_entity_poly.type
_entity_poly.pdbx_seq_one_letter_code
_entity_poly.pdbx_strand_id
1 'polypeptide(L)'
;HHHHHHKASKRTQLRNELIKQGPKRPTSAYFLYLQDHRSQFVKENPTLRPAEISKIAGEKWQNLEADIKEKYISERKKLY
SEYQKAKKEFDEKLPPKKPAGPFIKYANEVRSQVFAQHPDKSQLDLMKIIGDKWQSLDQSIKDKYIQEYKKAIQEYNARY
PLN
;
A,D
2 'polydeoxyribonucleotide'
;(DA)(DA)(DT)(DA)(DA)(DT)(DA)(DA)(DA)(DT)(DT)(DA)(DT)(DA)(DT)(DA)(DA)(DT)(DA)(DT)
(DA)(DA)
;
B,E
3 'polydeoxyribonucleotide'
;(DT)(DT)(DA)(DT)(DA)(DT)(DT)(DA)(DT)(DA)(DT)(DA)(DA)(DT)(DT)(DT)(DA)(DT)(DT)(DA)
(DT)(DT)
;
C,F
#
loop_
_chem_comp.id
_chem_comp.type
_chem_comp.name
_chem_comp.formula
DA DNA linking 2'-DEOXYADENOSINE-5'-MONOPHOSPHATE 'C10 H14 N5 O6 P'
DT DNA linking THYMIDINE-5'-MONOPHOSPHATE 'C10 H15 N2 O8 P'
#
# COMPACT_ATOMS: atom_id res chain seq x y z
N LYS A 7 -10.84 4.86 0.44
CA LYS A 7 -10.58 4.73 -0.99
C LYS A 7 -10.54 6.09 -1.67
N ALA A 8 -9.34 6.55 -1.98
CA ALA A 8 -8.70 7.62 -1.22
C ALA A 8 -8.80 8.93 -1.97
N SER A 9 -9.42 9.92 -1.34
CA SER A 9 -10.05 10.98 -2.10
C SER A 9 -8.98 11.85 -2.72
N LYS A 10 -9.33 12.57 -3.79
CA LYS A 10 -8.34 13.32 -4.56
C LYS A 10 -7.66 14.38 -3.71
N ARG A 11 -8.45 15.26 -3.08
CA ARG A 11 -7.87 16.24 -2.18
C ARG A 11 -7.24 15.59 -0.97
N THR A 12 -7.81 14.49 -0.49
CA THR A 12 -7.24 13.78 0.65
C THR A 12 -5.83 13.30 0.34
N GLN A 13 -5.59 12.84 -0.90
CA GLN A 13 -4.26 12.39 -1.30
C GLN A 13 -3.26 13.53 -1.16
N LEU A 14 -3.61 14.72 -1.66
CA LEU A 14 -2.70 15.86 -1.52
C LEU A 14 -2.53 16.24 -0.06
N ARG A 15 -3.63 16.28 0.70
CA ARG A 15 -3.53 16.68 2.09
C ARG A 15 -2.72 15.67 2.90
N ASN A 16 -3.00 14.37 2.73
CA ASN A 16 -2.26 13.35 3.46
C ASN A 16 -0.79 13.41 3.12
N GLU A 17 -0.45 13.72 1.86
CA GLU A 17 0.95 13.85 1.48
C GLU A 17 1.62 14.99 2.24
N LEU A 18 0.96 16.14 2.33
CA LEU A 18 1.48 17.23 3.15
C LEU A 18 1.61 16.79 4.60
N ILE A 19 0.56 16.19 5.15
CA ILE A 19 0.59 15.80 6.56
C ILE A 19 1.73 14.83 6.82
N LYS A 20 2.09 14.02 5.82
CA LYS A 20 3.23 13.11 5.96
C LYS A 20 4.54 13.86 6.21
N GLN A 21 4.66 15.08 5.69
CA GLN A 21 5.88 15.85 5.93
C GLN A 21 5.86 16.56 7.27
N GLY A 22 4.83 16.36 8.08
CA GLY A 22 4.67 17.08 9.32
C GLY A 22 5.78 16.78 10.31
N PRO A 23 5.92 17.62 11.34
CA PRO A 23 6.94 17.35 12.37
C PRO A 23 6.53 16.18 13.24
N LYS A 24 7.45 15.23 13.40
CA LYS A 24 7.18 14.03 14.18
C LYS A 24 7.32 14.33 15.66
N ARG A 25 6.48 13.68 16.46
CA ARG A 25 6.48 13.89 17.89
C ARG A 25 7.84 13.47 18.49
N PRO A 26 8.20 14.05 19.62
CA PRO A 26 9.52 13.79 20.20
C PRO A 26 9.51 12.48 20.98
N THR A 27 10.69 12.13 21.46
CA THR A 27 10.89 10.86 22.15
C THR A 27 10.46 10.96 23.62
N SER A 28 10.60 9.85 24.34
CA SER A 28 10.23 9.84 25.74
C SER A 28 11.43 10.24 26.60
N ALA A 29 11.13 10.56 27.87
CA ALA A 29 12.18 10.85 28.83
C ALA A 29 13.15 9.68 28.96
N TYR A 30 12.61 8.46 29.03
CA TYR A 30 13.45 7.27 29.15
C TYR A 30 14.42 7.13 27.99
N PHE A 31 13.95 7.39 26.77
CA PHE A 31 14.81 7.28 25.59
C PHE A 31 15.96 8.26 25.70
N LEU A 32 15.67 9.46 26.17
CA LEU A 32 16.75 10.41 26.43
C LEU A 32 17.79 9.81 27.36
N TYR A 33 17.34 9.27 28.49
CA TYR A 33 18.22 8.58 29.42
C TYR A 33 18.96 7.43 28.73
N LEU A 34 18.24 6.63 27.93
CA LEU A 34 18.87 5.53 27.19
C LEU A 34 19.93 6.04 26.24
N GLN A 35 19.65 7.13 25.54
CA GLN A 35 20.62 7.71 24.62
C GLN A 35 21.96 7.96 25.30
N ASP A 36 21.94 8.53 26.50
CA ASP A 36 23.16 8.95 27.18
C ASP A 36 23.87 7.81 27.88
N HIS A 37 23.22 6.68 28.10
CA HIS A 37 23.78 5.66 28.98
C HIS A 37 23.94 4.29 28.34
N ARG A 38 23.31 4.04 27.21
CA ARG A 38 23.40 2.71 26.62
C ARG A 38 24.84 2.23 26.51
N SER A 39 25.72 3.09 26.03
CA SER A 39 27.13 2.71 25.90
C SER A 39 27.66 2.10 27.18
N GLN A 40 27.48 2.80 28.28
CA GLN A 40 27.96 2.32 29.55
C GLN A 40 27.32 0.99 29.90
N PHE A 41 26.05 0.82 29.56
CA PHE A 41 25.35 -0.41 29.91
C PHE A 41 25.94 -1.59 29.15
N VAL A 42 26.41 -1.39 27.92
CA VAL A 42 26.98 -2.50 27.19
C VAL A 42 28.36 -2.85 27.73
N LYS A 43 29.13 -1.84 28.14
CA LYS A 43 30.42 -2.11 28.77
C LYS A 43 30.24 -2.81 30.11
N GLU A 44 29.12 -2.60 30.79
CA GLU A 44 28.87 -3.24 32.06
C GLU A 44 28.41 -4.68 31.89
N ASN A 45 27.59 -4.96 30.87
CA ASN A 45 27.01 -6.29 30.65
C ASN A 45 27.37 -6.76 29.25
N PRO A 46 28.65 -7.07 29.01
CA PRO A 46 29.10 -7.35 27.64
C PRO A 46 28.49 -8.60 27.03
N THR A 47 27.64 -9.32 27.76
CA THR A 47 27.11 -10.60 27.30
C THR A 47 25.64 -10.57 26.91
N LEU A 48 24.95 -9.44 27.07
CA LEU A 48 23.52 -9.40 26.87
C LEU A 48 23.16 -8.99 25.45
N ARG A 49 22.08 -9.57 24.94
CA ARG A 49 21.52 -9.14 23.67
C ARG A 49 21.16 -7.66 23.74
N PRO A 50 21.14 -6.97 22.61
CA PRO A 50 20.71 -5.56 22.63
C PRO A 50 19.37 -5.33 23.27
N ALA A 51 18.45 -6.31 23.16
CA ALA A 51 17.15 -6.16 23.81
C ALA A 51 17.26 -6.31 25.32
N GLU A 52 18.14 -7.21 25.80
CA GLU A 52 18.35 -7.37 27.24
C GLU A 52 19.02 -6.14 27.84
N ILE A 53 19.91 -5.49 27.07
CA ILE A 53 20.41 -4.17 27.43
C ILE A 53 19.24 -3.22 27.70
N SER A 54 18.26 -3.23 26.78
CA SER A 54 17.11 -2.34 26.92
C SER A 54 16.28 -2.68 28.16
N LYS A 55 16.16 -3.97 28.48
CA LYS A 55 15.48 -4.37 29.70
C LYS A 55 16.22 -3.85 30.93
N ILE A 56 17.56 -3.88 30.90
CA ILE A 56 18.33 -3.38 32.02
C ILE A 56 18.21 -1.86 32.11
N ALA A 57 18.26 -1.18 30.96
CA ALA A 57 18.00 0.26 30.93
C ALA A 57 16.68 0.58 31.61
N GLY A 58 15.65 -0.22 31.34
CA GLY A 58 14.35 0.02 31.96
C GLY A 58 14.40 -0.11 33.47
N GLU A 59 15.06 -1.14 33.97
CA GLU A 59 15.26 -1.29 35.41
C GLU A 59 15.98 -0.08 35.98
N LYS A 60 17.03 0.35 35.31
CA LYS A 60 17.80 1.49 35.76
C LYS A 60 16.97 2.78 35.78
N TRP A 61 16.17 2.98 34.74
CA TRP A 61 15.32 4.16 34.64
C TRP A 61 14.33 4.22 35.80
N GLN A 62 13.69 3.10 36.13
CA GLN A 62 12.68 3.12 37.18
C GLN A 62 13.28 3.44 38.55
N ASN A 63 14.52 3.01 38.81
CA ASN A 63 15.16 3.28 40.09
C ASN A 63 16.06 4.50 40.07
N LEU A 64 16.26 5.11 38.90
CA LEU A 64 17.16 6.25 38.77
C LEU A 64 16.83 7.32 39.81
N GLU A 65 17.85 8.12 40.12
N GLU A 65 17.84 8.12 40.12
CA GLU A 65 17.68 9.13 41.13
CA GLU A 65 17.68 9.11 41.15
C GLU A 65 16.56 10.01 40.67
C GLU A 65 16.58 10.01 40.68
N ALA A 66 15.67 10.29 41.59
CA ALA A 66 14.49 11.02 41.12
C ALA A 66 14.85 12.44 40.70
N ASP A 67 15.87 13.04 41.31
CA ASP A 67 16.34 14.35 40.86
C ASP A 67 16.97 14.28 39.48
N ILE A 68 17.44 13.11 39.05
CA ILE A 68 17.97 12.95 37.70
C ILE A 68 16.85 12.70 36.70
N LYS A 69 15.90 11.82 37.03
CA LYS A 69 14.77 11.57 36.13
C LYS A 69 14.07 12.86 35.79
N GLU A 70 13.92 13.74 36.80
CA GLU A 70 13.24 15.02 36.61
C GLU A 70 13.89 15.83 35.50
N LYS A 71 15.22 15.82 35.42
CA LYS A 71 15.91 16.53 34.35
C LYS A 71 15.50 16.00 32.98
N TYR A 72 15.43 14.67 32.82
CA TYR A 72 15.05 14.11 31.54
C TYR A 72 13.57 14.37 31.24
N ILE A 73 12.72 14.26 32.26
CA ILE A 73 11.32 14.61 32.12
C ILE A 73 11.19 16.07 31.68
N SER A 74 11.87 16.97 32.40
CA SER A 74 11.88 18.38 31.99
C SER A 74 12.37 18.55 30.56
N GLU A 75 13.40 17.81 30.16
CA GLU A 75 13.87 17.90 28.79
C GLU A 75 12.81 17.42 27.80
N ARG A 76 12.12 16.35 28.15
CA ARG A 76 11.07 15.83 27.31
C ARG A 76 9.98 16.87 27.15
N LYS A 77 9.51 17.43 28.26
CA LYS A 77 8.47 18.45 28.22
C LYS A 77 8.87 19.61 27.32
N LYS A 78 10.14 20.02 27.39
CA LYS A 78 10.62 21.12 26.56
C LYS A 78 10.57 20.77 25.08
N LEU A 79 10.99 19.55 24.72
CA LEU A 79 10.94 19.14 23.33
C LEU A 79 9.51 18.98 22.86
N TYR A 80 8.63 18.53 23.75
CA TYR A 80 7.23 18.37 23.36
C TYR A 80 6.57 19.72 23.13
N SER A 81 6.88 20.70 23.96
CA SER A 81 6.35 22.05 23.73
C SER A 81 6.81 22.58 22.37
N GLU A 82 8.08 22.40 22.03
CA GLU A 82 8.57 22.86 20.73
C GLU A 82 7.85 22.14 19.60
N TYR A 83 7.61 20.85 19.75
CA TYR A 83 6.86 20.09 18.76
C TYR A 83 5.45 20.65 18.59
N GLN A 84 4.76 20.93 19.70
CA GLN A 84 3.42 21.50 19.63
C GLN A 84 3.43 22.79 18.83
N LYS A 85 4.37 23.68 19.14
CA LYS A 85 4.51 24.92 18.39
C LYS A 85 4.73 24.63 16.91
N ALA A 86 5.58 23.66 16.59
CA ALA A 86 5.84 23.35 15.19
C ALA A 86 4.62 22.71 14.54
N LYS A 87 3.90 21.91 15.30
CA LYS A 87 2.72 21.24 14.77
C LYS A 87 1.63 22.25 14.43
N LYS A 88 1.32 23.15 15.36
CA LYS A 88 0.30 24.17 15.10
C LYS A 88 0.71 25.06 13.94
N GLU A 89 1.97 25.51 13.94
CA GLU A 89 2.49 26.30 12.81
C GLU A 89 2.33 25.55 11.50
N PHE A 90 2.61 24.24 11.51
CA PHE A 90 2.47 23.42 10.31
C PHE A 90 1.01 23.28 9.90
N ASP A 91 0.13 23.00 10.88
CA ASP A 91 -1.26 22.75 10.56
C ASP A 91 -1.94 23.99 10.00
N GLU A 92 -1.54 25.19 10.44
CA GLU A 92 -2.15 26.41 9.91
C GLU A 92 -1.79 26.65 8.46
N LYS A 93 -0.74 26.01 7.95
CA LYS A 93 -0.38 26.11 6.54
C LYS A 93 -1.07 25.06 5.68
N LEU A 94 -1.69 24.05 6.28
CA LEU A 94 -2.35 23.01 5.52
C LEU A 94 -3.58 23.56 4.81
N PRO A 95 -3.94 22.98 3.66
CA PRO A 95 -5.29 23.17 3.15
C PRO A 95 -6.29 22.62 4.14
N PRO A 96 -7.36 23.34 4.42
CA PRO A 96 -8.32 22.88 5.41
C PRO A 96 -9.13 21.69 4.89
N LYS A 97 -9.64 20.92 5.84
CA LYS A 97 -10.62 19.91 5.51
C LYS A 97 -11.88 20.56 4.96
N LYS A 98 -12.70 19.76 4.30
CA LYS A 98 -13.99 20.25 3.86
C LYS A 98 -14.82 20.69 5.07
N PRO A 99 -15.78 21.59 4.85
CA PRO A 99 -16.69 21.96 5.94
C PRO A 99 -17.56 20.77 6.34
N ALA A 100 -17.94 20.75 7.60
CA ALA A 100 -18.82 19.70 8.11
C ALA A 100 -20.21 19.78 7.46
N GLY A 101 -20.83 18.62 7.29
CA GLY A 101 -22.14 18.52 6.68
C GLY A 101 -23.23 19.14 7.54
N PRO A 102 -24.38 19.42 6.93
CA PRO A 102 -25.47 20.08 7.67
C PRO A 102 -25.83 19.36 8.96
N PHE A 103 -25.94 18.03 8.92
CA PHE A 103 -26.29 17.32 10.14
C PHE A 103 -25.26 17.59 11.23
N ILE A 104 -23.98 17.59 10.87
CA ILE A 104 -22.91 17.79 11.83
C ILE A 104 -23.02 19.15 12.49
N LYS A 105 -23.25 20.18 11.68
CA LYS A 105 -23.37 21.51 12.23
C LYS A 105 -24.54 21.54 13.18
N TYR A 106 -25.62 20.87 12.83
CA TYR A 106 -26.80 20.84 13.71
C TYR A 106 -26.48 20.12 15.01
N ALA A 107 -25.90 18.92 14.90
CA ALA A 107 -25.51 18.16 16.08
C ALA A 107 -24.63 18.99 17.02
N ASN A 108 -23.70 19.77 16.47
CA ASN A 108 -22.81 20.55 17.31
C ASN A 108 -23.54 21.68 18.04
N GLU A 109 -24.59 22.24 17.44
CA GLU A 109 -25.31 23.32 18.12
C GLU A 109 -26.23 22.79 19.22
N VAL A 110 -26.84 21.62 19.06
CA VAL A 110 -27.78 21.11 20.07
C VAL A 110 -27.16 20.09 21.01
N ARG A 111 -25.92 19.70 20.79
N ARG A 111 -25.89 19.73 20.88
CA ARG A 111 -25.36 18.63 21.60
CA ARG A 111 -25.33 18.60 21.62
C ARG A 111 -25.35 18.84 23.10
C ARG A 111 -25.37 18.83 23.13
N SER A 112 -25.08 20.05 23.54
CA SER A 112 -25.01 20.28 24.99
C SER A 112 -26.37 20.12 25.64
N GLN A 113 -27.40 20.74 25.04
CA GLN A 113 -28.75 20.59 25.60
C GLN A 113 -29.17 19.14 25.58
N VAL A 114 -28.94 18.44 24.47
CA VAL A 114 -29.28 17.02 24.41
C VAL A 114 -28.52 16.23 25.47
N PHE A 115 -27.24 16.55 25.65
CA PHE A 115 -26.48 15.83 26.67
C PHE A 115 -27.05 16.11 28.05
N ALA A 116 -27.42 17.37 28.32
CA ALA A 116 -28.02 17.70 29.61
C ALA A 116 -29.30 16.92 29.83
N GLN A 117 -30.04 16.62 28.76
CA GLN A 117 -31.26 15.84 28.88
C GLN A 117 -30.98 14.34 28.99
N HIS A 118 -29.80 13.88 28.61
CA HIS A 118 -29.45 12.45 28.61
C HIS A 118 -28.05 12.26 29.17
N PRO A 119 -27.85 12.57 30.46
CA PRO A 119 -26.48 12.53 31.01
C PRO A 119 -25.87 11.14 31.05
N ASP A 120 -26.65 10.08 30.93
CA ASP A 120 -26.15 8.72 31.09
C ASP A 120 -25.78 8.06 29.77
N LYS A 121 -25.70 8.83 28.69
CA LYS A 121 -25.48 8.28 27.36
C LYS A 121 -24.12 8.68 26.82
N SER A 122 -23.46 7.73 26.17
CA SER A 122 -22.19 7.99 25.51
C SER A 122 -22.41 8.89 24.30
N GLN A 123 -21.29 9.36 23.74
CA GLN A 123 -21.36 10.18 22.53
C GLN A 123 -22.04 9.41 21.40
N LEU A 124 -21.79 8.10 21.30
CA LEU A 124 -22.41 7.29 20.26
C LEU A 124 -23.93 7.30 20.40
N ASP A 125 -24.42 7.08 21.63
CA ASP A 125 -25.86 7.08 21.88
C ASP A 125 -26.45 8.46 21.64
N LEU A 126 -25.77 9.50 22.13
CA LEU A 126 -26.18 10.88 21.85
C LEU A 126 -26.39 11.11 20.36
N MET A 127 -25.47 10.62 19.54
CA MET A 127 -25.59 10.89 18.11
C MET A 127 -26.78 10.14 17.50
N LYS A 128 -27.09 8.95 18.02
CA LYS A 128 -28.37 8.33 17.68
C LYS A 128 -29.52 9.28 17.97
N ILE A 129 -29.61 9.76 19.21
CA ILE A 129 -30.68 10.69 19.61
C ILE A 129 -30.69 11.91 18.69
N ILE A 130 -29.51 12.46 18.42
CA ILE A 130 -29.47 13.69 17.63
C ILE A 130 -29.84 13.39 16.19
N GLY A 131 -29.50 12.20 15.69
CA GLY A 131 -30.00 11.79 14.39
C GLY A 131 -31.52 11.77 14.35
N ASP A 132 -32.15 11.23 15.39
CA ASP A 132 -33.60 11.24 15.45
C ASP A 132 -34.16 12.66 15.47
N LYS A 133 -33.59 13.53 16.28
CA LYS A 133 -34.06 14.92 16.32
C LYS A 133 -33.93 15.59 14.97
N TRP A 134 -32.81 15.35 14.28
CA TRP A 134 -32.68 15.89 12.93
C TRP A 134 -33.80 15.38 12.04
N GLN A 135 -34.11 14.09 12.15
CA GLN A 135 -35.15 13.50 11.31
C GLN A 135 -36.48 14.21 11.49
N SER A 136 -36.77 14.73 12.69
CA SER A 136 -38.05 15.38 12.92
C SER A 136 -37.96 16.89 12.89
N LEU A 137 -36.79 17.47 12.62
CA LEU A 137 -36.68 18.92 12.49
C LEU A 137 -37.61 19.44 11.40
N ASP A 138 -38.15 20.64 11.61
CA ASP A 138 -38.92 21.32 10.58
C ASP A 138 -38.05 21.50 9.33
N GLN A 139 -38.66 21.36 8.15
CA GLN A 139 -37.91 21.41 6.90
C GLN A 139 -37.25 22.76 6.70
N SER A 140 -37.91 23.84 7.12
CA SER A 140 -37.27 25.13 6.93
C SER A 140 -36.08 25.31 7.87
N ILE A 141 -36.01 24.56 8.96
CA ILE A 141 -34.83 24.61 9.81
C ILE A 141 -33.71 23.76 9.23
N LYS A 142 -34.04 22.54 8.78
CA LYS A 142 -33.05 21.76 8.03
C LYS A 142 -32.47 22.59 6.90
N ASP A 143 -33.31 23.35 6.21
CA ASP A 143 -32.86 24.12 5.06
C ASP A 143 -31.87 25.22 5.45
N LYS A 144 -31.96 25.74 6.67
CA LYS A 144 -30.95 26.69 7.14
C LYS A 144 -29.57 26.02 7.12
N TYR A 145 -29.47 24.83 7.71
CA TYR A 145 -28.19 24.15 7.77
C TYR A 145 -27.71 23.74 6.38
N ILE A 146 -28.62 23.26 5.53
CA ILE A 146 -28.25 22.84 4.18
C ILE A 146 -27.73 24.03 3.39
N GLN A 147 -28.43 25.16 3.47
CA GLN A 147 -27.97 26.35 2.78
C GLN A 147 -26.67 26.88 3.37
N GLU A 148 -26.53 26.81 4.70
CA GLU A 148 -25.27 27.18 5.33
C GLU A 148 -24.14 26.34 4.74
N TYR A 149 -24.36 25.04 4.61
CA TYR A 149 -23.34 24.16 4.07
C TYR A 149 -23.03 24.47 2.59
N LYS A 150 -24.07 24.79 1.80
CA LYS A 150 -23.84 25.12 0.39
C LYS A 150 -22.90 26.30 0.25
N LYS A 151 -23.08 27.33 1.06
CA LYS A 151 -22.16 28.46 1.00
C LYS A 151 -20.76 28.06 1.45
N ALA A 152 -20.68 27.17 2.44
CA ALA A 152 -19.39 26.71 2.93
C ALA A 152 -18.62 26.00 1.84
N ILE A 153 -19.24 25.00 1.21
CA ILE A 153 -18.56 24.25 0.16
C ILE A 153 -18.19 25.15 -1.02
N GLN A 154 -19.02 26.15 -1.34
CA GLN A 154 -18.66 27.10 -2.39
C GLN A 154 -17.38 27.85 -2.04
N GLU A 155 -17.34 28.49 -0.87
CA GLU A 155 -16.12 29.15 -0.42
C GLU A 155 -14.95 28.19 -0.40
N TYR A 156 -15.19 26.96 0.06
CA TYR A 156 -14.13 25.96 0.12
C TYR A 156 -13.56 25.68 -1.26
N ASN A 157 -14.42 25.40 -2.24
CA ASN A 157 -13.96 25.12 -3.60
C ASN A 157 -13.30 26.34 -4.21
N ALA A 158 -13.69 27.54 -3.78
CA ALA A 158 -13.03 28.73 -4.28
C ALA A 158 -11.63 28.85 -3.72
N ARG A 159 -11.46 28.55 -2.44
CA ARG A 159 -10.17 28.81 -1.83
C ARG A 159 -9.19 27.66 -2.03
N TYR A 160 -9.66 26.46 -2.38
CA TYR A 160 -8.80 25.29 -2.53
C TYR A 160 -9.24 24.41 -3.68
N PRO A 161 -9.00 24.88 -4.89
CA PRO A 161 -9.39 24.15 -6.09
C PRO A 161 -8.32 23.17 -6.50
N LEU A 162 -8.75 22.05 -7.08
CA LEU A 162 -7.83 21.02 -7.52
C LEU A 162 -6.84 21.60 -8.52
N HIS D 5 1.63 -13.09 -1.17
CA HIS D 5 2.27 -13.82 -0.08
C HIS D 5 3.54 -13.12 0.40
N HIS D 6 4.56 -13.07 -0.45
CA HIS D 6 5.85 -12.52 -0.07
C HIS D 6 5.86 -11.02 -0.24
N LYS D 7 6.13 -10.29 0.84
CA LYS D 7 6.18 -8.84 0.79
C LYS D 7 7.38 -8.39 -0.06
N ALA D 8 7.10 -7.58 -1.07
CA ALA D 8 8.13 -7.20 -2.03
C ALA D 8 9.30 -6.50 -1.34
N SER D 9 10.49 -7.01 -1.59
CA SER D 9 11.72 -6.35 -1.17
C SER D 9 11.88 -5.04 -1.94
N LYS D 10 12.77 -4.19 -1.44
CA LYS D 10 12.89 -2.86 -2.05
C LYS D 10 13.42 -2.94 -3.48
N ARG D 11 14.27 -3.93 -3.79
CA ARG D 11 14.67 -4.11 -5.17
C ARG D 11 13.49 -4.57 -6.02
N THR D 12 12.64 -5.44 -5.46
CA THR D 12 11.50 -5.94 -6.21
C THR D 12 10.48 -4.85 -6.48
N GLN D 13 10.25 -3.96 -5.49
CA GLN D 13 9.35 -2.83 -5.68
C GLN D 13 9.79 -1.97 -6.86
N LEU D 14 11.10 -1.64 -6.92
CA LEU D 14 11.59 -0.85 -8.05
C LEU D 14 11.35 -1.57 -9.37
N ARG D 15 11.68 -2.85 -9.41
CA ARG D 15 11.42 -3.63 -10.62
C ARG D 15 9.94 -3.63 -10.96
N ASN D 16 9.09 -3.85 -9.95
CA ASN D 16 7.65 -3.86 -10.19
C ASN D 16 7.16 -2.50 -10.68
N GLU D 17 7.64 -1.42 -10.06
CA GLU D 17 7.26 -0.08 -10.52
C GLU D 17 7.79 0.19 -11.92
N LEU D 18 9.01 -0.27 -12.23
CA LEU D 18 9.54 -0.13 -13.58
C LEU D 18 8.67 -0.88 -14.58
N ILE D 19 8.32 -2.13 -14.24
CA ILE D 19 7.47 -2.92 -15.13
C ILE D 19 6.13 -2.22 -15.37
N LYS D 20 5.54 -1.65 -14.31
CA LYS D 20 4.22 -1.05 -14.44
C LYS D 20 4.20 0.11 -15.42
N GLN D 21 5.35 0.69 -15.75
CA GLN D 21 5.41 1.78 -16.72
C GLN D 21 6.02 1.33 -18.04
N GLY D 22 6.12 0.04 -18.27
CA GLY D 22 6.60 -0.46 -19.54
C GLY D 22 5.46 -0.62 -20.52
N PRO D 23 5.68 -1.41 -21.56
CA PRO D 23 4.59 -1.72 -22.50
C PRO D 23 3.55 -2.59 -21.84
N LYS D 24 2.29 -2.36 -22.19
CA LYS D 24 1.17 -3.09 -21.62
C LYS D 24 0.44 -3.89 -22.69
N ARG D 25 -0.28 -4.92 -22.24
CA ARG D 25 -1.01 -5.79 -23.14
C ARG D 25 -1.99 -4.98 -23.98
N PRO D 26 -2.08 -5.26 -25.29
CA PRO D 26 -3.10 -4.62 -26.10
C PRO D 26 -4.49 -5.13 -25.76
N THR D 27 -5.48 -4.41 -26.27
CA THR D 27 -6.89 -4.72 -26.07
C THR D 27 -7.30 -5.97 -26.82
N SER D 28 -8.44 -6.53 -26.45
CA SER D 28 -8.91 -7.76 -27.07
C SER D 28 -9.63 -7.46 -28.37
N ALA D 29 -9.98 -8.52 -29.10
CA ALA D 29 -10.65 -8.34 -30.38
C ALA D 29 -12.06 -7.80 -30.18
N TYR D 30 -12.83 -8.45 -29.32
CA TYR D 30 -14.17 -7.99 -28.99
C TYR D 30 -14.18 -6.51 -28.65
N PHE D 31 -13.18 -6.07 -27.91
CA PHE D 31 -13.09 -4.67 -27.56
C PHE D 31 -12.91 -3.79 -28.77
N LEU D 32 -12.13 -4.26 -29.74
CA LEU D 32 -11.88 -3.44 -30.92
C LEU D 32 -13.19 -3.10 -31.61
N TYR D 33 -14.09 -4.09 -31.74
CA TYR D 33 -15.39 -3.82 -32.32
C TYR D 33 -16.13 -2.75 -31.54
N LEU D 34 -15.98 -2.73 -30.21
CA LEU D 34 -16.62 -1.69 -29.40
C LEU D 34 -16.08 -0.32 -29.77
N GLN D 35 -14.76 -0.13 -29.67
CA GLN D 35 -14.15 1.18 -29.90
C GLN D 35 -14.49 1.76 -31.28
N ASP D 36 -14.83 0.90 -32.24
CA ASP D 36 -15.30 1.38 -33.53
C ASP D 36 -16.79 1.70 -33.56
N HIS D 37 -17.59 1.01 -32.76
CA HIS D 37 -19.04 1.15 -32.82
C HIS D 37 -19.66 1.53 -31.47
N ARG D 38 -18.93 2.30 -30.67
CA ARG D 38 -19.47 2.78 -29.39
C ARG D 38 -20.60 3.82 -29.57
N SER D 39 -20.40 4.79 -30.45
CA SER D 39 -21.42 5.79 -30.77
C SER D 39 -22.57 5.22 -31.59
N GLN D 40 -22.48 3.97 -32.03
CA GLN D 40 -23.57 3.37 -32.81
C GLN D 40 -24.53 2.57 -31.94
N PHE D 41 -24.05 1.96 -30.86
CA PHE D 41 -24.95 1.18 -30.01
C PHE D 41 -25.78 2.06 -29.10
N VAL D 42 -25.28 3.26 -28.76
CA VAL D 42 -26.06 4.17 -27.93
C VAL D 42 -27.09 4.92 -28.77
N LYS D 43 -26.71 5.27 -29.98
CA LYS D 43 -27.64 5.93 -30.87
C LYS D 43 -28.80 4.97 -31.15
N GLU D 44 -28.49 3.67 -31.23
CA GLU D 44 -29.47 2.66 -31.57
C GLU D 44 -30.17 2.08 -30.35
N ASN D 45 -29.52 2.09 -29.19
CA ASN D 45 -30.06 1.50 -27.97
C ASN D 45 -29.84 2.48 -26.82
N PRO D 46 -30.70 3.48 -26.68
CA PRO D 46 -30.48 4.51 -25.65
C PRO D 46 -31.27 4.27 -24.38
N THR D 47 -31.80 3.06 -24.20
CA THR D 47 -32.67 2.78 -23.05
C THR D 47 -32.23 1.82 -21.95
N LEU D 48 -31.02 1.29 -22.03
CA LEU D 48 -30.56 0.35 -21.02
C LEU D 48 -29.24 0.84 -20.43
N ARG D 49 -28.92 0.30 -19.24
CA ARG D 49 -27.72 0.70 -18.51
C ARG D 49 -26.47 0.52 -19.37
N PRO D 50 -25.37 1.20 -19.02
CA PRO D 50 -24.12 0.96 -19.76
C PRO D 50 -23.65 -0.48 -19.69
N ALA D 51 -23.94 -1.18 -18.59
CA ALA D 51 -23.59 -2.58 -18.48
C ALA D 51 -24.44 -3.45 -19.40
N GLU D 52 -25.69 -3.05 -19.65
CA GLU D 52 -26.56 -3.82 -20.55
C GLU D 52 -26.11 -3.70 -21.99
N ILE D 53 -25.65 -2.51 -22.40
CA ILE D 53 -25.06 -2.35 -23.73
C ILE D 53 -23.95 -3.38 -23.94
N SER D 54 -23.14 -3.62 -22.93
CA SER D 54 -22.06 -4.60 -23.04
C SER D 54 -22.61 -6.01 -23.21
N LYS D 55 -23.70 -6.34 -22.51
CA LYS D 55 -24.23 -7.71 -22.60
C LYS D 55 -24.76 -8.02 -24.00
N ILE D 56 -25.41 -7.05 -24.66
CA ILE D 56 -25.89 -7.31 -26.02
C ILE D 56 -24.73 -7.32 -27.00
N ALA D 57 -23.64 -6.60 -26.69
CA ALA D 57 -22.46 -6.66 -27.55
C ALA D 57 -21.82 -8.04 -27.49
N GLY D 58 -21.82 -8.67 -26.32
CA GLY D 58 -21.32 -10.02 -26.20
C GLY D 58 -22.23 -11.04 -26.87
N GLU D 59 -23.55 -10.84 -26.77
CA GLU D 59 -24.48 -11.67 -27.53
C GLU D 59 -24.28 -11.48 -29.02
N LYS D 60 -24.00 -10.25 -29.41
CA LYS D 60 -23.72 -9.98 -30.78
C LYS D 60 -22.47 -10.76 -31.16
N TRP D 61 -21.51 -10.85 -30.25
CA TRP D 61 -20.21 -11.46 -30.52
C TRP D 61 -20.34 -12.95 -30.77
N GLN D 62 -21.09 -13.65 -29.90
CA GLN D 62 -21.23 -15.10 -30.03
C GLN D 62 -22.06 -15.53 -31.23
N ASN D 63 -22.88 -14.64 -31.80
CA ASN D 63 -23.73 -14.98 -32.94
C ASN D 63 -23.35 -14.25 -34.22
N LEU D 64 -22.27 -13.48 -34.18
CA LEU D 64 -21.81 -12.73 -35.34
C LEU D 64 -21.20 -13.62 -36.43
N GLU D 65 -21.29 -13.16 -37.68
CA GLU D 65 -20.74 -13.89 -38.80
C GLU D 65 -19.21 -14.02 -38.64
N ALA D 66 -18.67 -15.14 -39.07
CA ALA D 66 -17.25 -15.44 -38.93
C ALA D 66 -16.27 -14.45 -39.58
N ASP D 67 -16.60 -13.90 -40.73
CA ASP D 67 -15.68 -12.97 -41.37
C ASP D 67 -15.45 -11.83 -40.41
N ILE D 68 -16.51 -11.37 -39.78
CA ILE D 68 -16.39 -10.25 -38.86
C ILE D 68 -15.50 -10.55 -37.66
N LYS D 69 -15.73 -11.71 -37.05
CA LYS D 69 -14.96 -12.10 -35.89
C LYS D 69 -13.49 -12.27 -36.26
N GLU D 70 -13.23 -12.56 -37.53
CA GLU D 70 -11.86 -12.74 -38.02
C GLU D 70 -11.16 -11.41 -38.24
N LYS D 71 -11.84 -10.47 -38.88
CA LYS D 71 -11.24 -9.16 -39.13
C LYS D 71 -10.54 -8.53 -37.90
N TYR D 72 -11.29 -8.32 -36.84
CA TYR D 72 -10.85 -7.74 -35.58
C TYR D 72 -9.91 -8.68 -34.81
N ILE D 73 -10.05 -9.99 -35.00
CA ILE D 73 -9.05 -10.92 -34.50
C ILE D 73 -7.69 -10.61 -35.13
N SER D 74 -7.69 -10.32 -36.44
CA SER D 74 -6.47 -9.97 -37.14
C SER D 74 -5.80 -8.75 -36.53
N GLU D 75 -6.60 -7.79 -36.07
CA GLU D 75 -6.03 -6.58 -35.48
C GLU D 75 -5.39 -6.86 -34.13
N ARG D 76 -6.03 -7.71 -33.30
CA ARG D 76 -5.42 -8.12 -32.05
C ARG D 76 -4.08 -8.81 -32.29
N LYS D 77 -4.01 -9.68 -33.30
CA LYS D 77 -2.76 -10.37 -33.58
C LYS D 77 -1.65 -9.38 -33.96
N LYS D 78 -1.97 -8.38 -34.79
CA LYS D 78 -0.97 -7.36 -35.12
C LYS D 78 -0.54 -6.58 -33.89
N LEU D 79 -1.51 -6.11 -33.10
CA LEU D 79 -1.19 -5.30 -31.94
C LEU D 79 -0.38 -6.09 -30.91
N TYR D 80 -0.65 -7.39 -30.77
CA TYR D 80 0.01 -8.17 -29.74
C TYR D 80 1.47 -8.45 -30.08
N SER D 81 1.77 -8.74 -31.36
CA SER D 81 3.14 -9.07 -31.71
C SER D 81 4.04 -7.84 -31.63
N GLU D 82 3.49 -6.65 -31.91
CA GLU D 82 4.26 -5.43 -31.71
C GLU D 82 4.47 -5.15 -30.23
N TYR D 83 3.48 -5.47 -29.40
CA TYR D 83 3.67 -5.45 -27.96
C TYR D 83 4.69 -6.50 -27.52
N GLN D 84 4.64 -7.69 -28.12
CA GLN D 84 5.60 -8.74 -27.79
C GLN D 84 7.03 -8.27 -27.97
N LYS D 85 7.33 -7.71 -29.14
CA LYS D 85 8.65 -7.15 -29.39
C LYS D 85 8.96 -6.05 -28.38
N ALA D 86 8.02 -5.13 -28.16
CA ALA D 86 8.27 -4.00 -27.28
C ALA D 86 8.50 -4.46 -25.84
N LYS D 87 7.78 -5.50 -25.40
CA LYS D 87 8.01 -6.06 -24.08
C LYS D 87 9.36 -6.76 -24.01
N LYS D 88 9.72 -7.52 -25.05
CA LYS D 88 11.01 -8.20 -25.05
C LYS D 88 12.16 -7.22 -24.89
N GLU D 89 12.15 -6.13 -25.68
CA GLU D 89 13.23 -5.15 -25.58
C GLU D 89 13.27 -4.51 -24.21
N PHE D 90 12.11 -4.07 -23.71
CA PHE D 90 12.04 -3.48 -22.38
C PHE D 90 12.63 -4.43 -21.34
N ASP D 91 12.09 -5.65 -21.27
CA ASP D 91 12.50 -6.60 -20.25
C ASP D 91 14.00 -6.81 -20.22
N GLU D 92 14.67 -6.67 -21.37
CA GLU D 92 16.12 -6.90 -21.41
C GLU D 92 16.90 -5.75 -20.77
N LYS D 93 16.35 -4.54 -20.79
CA LYS D 93 17.03 -3.41 -20.17
C LYS D 93 16.76 -3.30 -18.69
N LEU D 94 15.94 -4.18 -18.13
CA LEU D 94 15.61 -4.14 -16.71
C LEU D 94 16.82 -4.50 -15.85
N PRO D 95 16.90 -3.99 -14.63
CA PRO D 95 17.97 -4.39 -13.71
C PRO D 95 17.95 -5.90 -13.48
N PRO D 96 19.04 -6.60 -13.78
CA PRO D 96 19.02 -8.06 -13.72
C PRO D 96 18.88 -8.56 -12.29
N LYS D 97 18.14 -9.66 -12.15
CA LYS D 97 18.02 -10.33 -10.86
C LYS D 97 19.35 -10.95 -10.46
N LYS D 98 19.47 -11.28 -9.17
CA LYS D 98 20.64 -11.97 -8.68
C LYS D 98 20.73 -13.38 -9.28
N PRO D 99 21.93 -13.96 -9.34
CA PRO D 99 22.05 -15.32 -9.84
C PRO D 99 21.40 -16.32 -8.89
N ALA D 100 20.89 -17.39 -9.46
CA ALA D 100 20.21 -18.40 -8.68
C ALA D 100 21.19 -19.11 -7.75
N GLY D 101 20.67 -19.62 -6.63
CA GLY D 101 21.49 -20.26 -5.62
C GLY D 101 21.89 -21.66 -5.99
N PRO D 102 22.75 -22.26 -5.16
CA PRO D 102 23.30 -23.57 -5.48
C PRO D 102 22.24 -24.62 -5.74
N PHE D 103 21.17 -24.61 -4.94
CA PHE D 103 20.15 -25.62 -5.14
C PHE D 103 19.41 -25.40 -6.46
N ILE D 104 19.04 -24.16 -6.76
CA ILE D 104 18.33 -23.89 -8.00
C ILE D 104 19.14 -24.37 -9.18
N LYS D 105 20.45 -24.14 -9.14
CA LYS D 105 21.37 -24.55 -10.19
C LYS D 105 21.30 -26.06 -10.35
N TYR D 106 21.49 -26.77 -9.24
CA TYR D 106 21.40 -28.22 -9.26
C TYR D 106 20.06 -28.67 -9.81
N ALA D 107 18.98 -28.01 -9.39
CA ALA D 107 17.64 -28.42 -9.80
C ALA D 107 17.45 -28.22 -11.29
N ASN D 108 17.97 -27.12 -11.81
CA ASN D 108 17.87 -26.87 -13.24
C ASN D 108 18.76 -27.81 -14.06
N GLU D 109 19.67 -28.55 -13.45
CA GLU D 109 20.42 -29.57 -14.17
C GLU D 109 19.72 -30.93 -14.16
N VAL D 110 19.34 -31.43 -12.97
CA VAL D 110 18.79 -32.79 -12.87
C VAL D 110 17.30 -32.89 -13.15
N ARG D 111 16.58 -31.78 -13.36
N ARG D 111 16.60 -31.77 -13.36
CA ARG D 111 15.12 -31.86 -13.51
CA ARG D 111 15.15 -31.79 -13.54
C ARG D 111 14.72 -32.78 -14.66
C ARG D 111 14.72 -32.75 -14.65
N SER D 112 15.39 -32.69 -15.80
CA SER D 112 15.03 -33.55 -16.92
C SER D 112 15.18 -35.02 -16.57
N GLN D 113 16.30 -35.41 -15.97
CA GLN D 113 16.48 -36.80 -15.59
C GLN D 113 15.47 -37.23 -14.55
N VAL D 114 15.15 -36.36 -13.59
CA VAL D 114 14.23 -36.76 -12.53
C VAL D 114 12.82 -36.92 -13.09
N PHE D 115 12.41 -36.04 -13.98
CA PHE D 115 11.11 -36.20 -14.61
C PHE D 115 11.07 -37.46 -15.46
N ALA D 116 12.16 -37.75 -16.17
CA ALA D 116 12.22 -38.96 -16.98
C ALA D 116 12.07 -40.21 -16.11
N GLN D 117 12.47 -40.13 -14.85
CA GLN D 117 12.36 -41.26 -13.95
C GLN D 117 11.07 -41.25 -13.12
N HIS D 118 10.39 -40.12 -13.01
CA HIS D 118 9.11 -40.04 -12.30
C HIS D 118 8.11 -39.29 -13.17
N PRO D 119 7.72 -39.88 -14.31
CA PRO D 119 6.80 -39.18 -15.19
C PRO D 119 5.41 -39.06 -14.60
N ASP D 120 5.10 -39.86 -13.57
CA ASP D 120 3.78 -39.89 -12.94
C ASP D 120 3.59 -38.81 -11.90
N LYS D 121 4.65 -38.10 -11.51
CA LYS D 121 4.55 -37.11 -10.44
C LYS D 121 4.28 -35.73 -11.01
N SER D 122 3.52 -34.93 -10.26
CA SER D 122 3.40 -33.51 -10.57
C SER D 122 4.73 -32.82 -10.34
N GLN D 123 4.87 -31.62 -10.91
CA GLN D 123 6.09 -30.84 -10.78
C GLN D 123 6.33 -30.50 -9.32
N LEU D 124 5.28 -30.29 -8.57
CA LEU D 124 5.44 -29.94 -7.17
C LEU D 124 6.01 -31.11 -6.37
N ASP D 125 5.47 -32.32 -6.59
CA ASP D 125 6.12 -33.51 -6.04
C ASP D 125 7.51 -33.72 -6.64
N LEU D 126 7.73 -33.29 -7.89
CA LEU D 126 9.05 -33.41 -8.49
C LEU D 126 10.07 -32.57 -7.75
N MET D 127 9.69 -31.34 -7.39
CA MET D 127 10.60 -30.48 -6.66
C MET D 127 10.82 -31.00 -5.25
N LYS D 128 9.84 -31.69 -4.66
CA LYS D 128 10.10 -32.35 -3.38
C LYS D 128 11.18 -33.41 -3.55
N ILE D 129 11.05 -34.23 -4.58
CA ILE D 129 12.07 -35.26 -4.85
C ILE D 129 13.42 -34.60 -5.10
N ILE D 130 13.45 -33.57 -5.93
CA ILE D 130 14.73 -32.92 -6.23
C ILE D 130 15.33 -32.31 -4.96
N GLY D 131 14.48 -31.76 -4.09
CA GLY D 131 15.00 -31.23 -2.84
C GLY D 131 15.62 -32.31 -1.96
N ASP D 132 15.00 -33.49 -1.93
CA ASP D 132 15.60 -34.55 -1.14
C ASP D 132 16.88 -35.12 -1.79
N LYS D 133 16.94 -35.16 -3.13
CA LYS D 133 18.18 -35.53 -3.80
C LYS D 133 19.30 -34.58 -3.44
N TRP D 134 19.02 -33.27 -3.41
CA TRP D 134 20.07 -32.33 -3.03
C TRP D 134 20.56 -32.63 -1.63
N GLN D 135 19.63 -32.84 -0.68
CA GLN D 135 19.99 -33.10 0.71
C GLN D 135 20.90 -34.31 0.82
N SER D 136 20.71 -35.29 -0.08
CA SER D 136 21.46 -36.54 -0.04
C SER D 136 22.81 -36.46 -0.71
N LEU D 137 23.05 -35.43 -1.52
CA LEU D 137 24.31 -35.33 -2.26
C LEU D 137 25.50 -35.44 -1.32
N ASP D 138 26.58 -35.98 -1.86
CA ASP D 138 27.87 -35.90 -1.20
C ASP D 138 28.23 -34.44 -0.95
N GLN D 139 28.87 -34.17 0.19
CA GLN D 139 29.22 -32.79 0.52
C GLN D 139 30.14 -32.19 -0.50
N SER D 140 31.05 -32.98 -1.09
CA SER D 140 31.90 -32.46 -2.13
C SER D 140 31.11 -32.11 -3.39
N ILE D 141 29.97 -32.76 -3.61
CA ILE D 141 29.16 -32.41 -4.77
C ILE D 141 28.37 -31.14 -4.51
N LYS D 142 27.71 -31.02 -3.34
CA LYS D 142 27.12 -29.75 -2.96
C LYS D 142 28.12 -28.62 -3.11
N ASP D 143 29.37 -28.86 -2.72
CA ASP D 143 30.40 -27.83 -2.78
C ASP D 143 30.62 -27.33 -4.20
N LYS D 144 30.52 -28.21 -5.20
CA LYS D 144 30.62 -27.75 -6.58
C LYS D 144 29.55 -26.71 -6.88
N TYR D 145 28.30 -26.99 -6.47
CA TYR D 145 27.24 -26.04 -6.73
C TYR D 145 27.38 -24.79 -5.88
N ILE D 146 27.89 -24.92 -4.65
CA ILE D 146 28.11 -23.73 -3.85
C ILE D 146 29.24 -22.88 -4.46
N GLN D 147 30.23 -23.52 -5.06
CA GLN D 147 31.31 -22.78 -5.69
C GLN D 147 30.85 -22.12 -6.98
N GLU D 148 30.02 -22.82 -7.78
CA GLU D 148 29.44 -22.18 -8.96
C GLU D 148 28.70 -20.90 -8.55
N TYR D 149 27.88 -20.98 -7.49
CA TYR D 149 27.19 -19.77 -7.04
C TYR D 149 28.17 -18.70 -6.56
N LYS D 150 29.23 -19.11 -5.84
CA LYS D 150 30.23 -18.12 -5.43
C LYS D 150 30.82 -17.41 -6.64
N LYS D 151 31.17 -18.17 -7.68
CA LYS D 151 31.67 -17.56 -8.91
C LYS D 151 30.63 -16.64 -9.52
N ALA D 152 29.38 -17.09 -9.58
CA ALA D 152 28.30 -16.29 -10.17
C ALA D 152 28.08 -15.00 -9.39
N ILE D 153 28.07 -15.06 -8.07
CA ILE D 153 27.81 -13.82 -7.34
C ILE D 153 29.04 -12.90 -7.37
N GLN D 154 30.26 -13.45 -7.44
CA GLN D 154 31.44 -12.59 -7.55
C GLN D 154 31.43 -11.84 -8.87
N GLU D 155 31.08 -12.54 -9.95
CA GLU D 155 30.97 -11.90 -11.24
C GLU D 155 29.86 -10.87 -11.18
N TYR D 156 28.70 -11.28 -10.69
CA TYR D 156 27.58 -10.35 -10.61
C TYR D 156 27.94 -9.09 -9.83
N ASN D 157 28.69 -9.23 -8.73
CA ASN D 157 29.07 -8.05 -7.96
C ASN D 157 30.16 -7.26 -8.65
N ALA D 158 31.02 -7.93 -9.42
CA ALA D 158 32.00 -7.21 -10.23
C ALA D 158 31.30 -6.41 -11.33
N ARG D 159 30.23 -6.97 -11.90
CA ARG D 159 29.53 -6.27 -12.97
C ARG D 159 28.61 -5.17 -12.44
N TYR D 160 28.03 -5.34 -11.25
CA TYR D 160 27.19 -4.32 -10.62
C TYR D 160 27.65 -4.09 -9.19
N PRO D 161 28.63 -3.20 -8.98
CA PRO D 161 29.17 -2.93 -7.64
C PRO D 161 28.21 -2.11 -6.78
#